data_3BW8
#
_entry.id   3BW8
#
_cell.length_a   40.000
_cell.length_b   91.540
_cell.length_c   70.850
_cell.angle_alpha   90.00
_cell.angle_beta   106.45
_cell.angle_gamma   90.00
#
_symmetry.space_group_name_H-M   'P 1 21 1'
#
loop_
_entity.id
_entity.type
_entity.pdbx_description
1 polymer 'Mono-ADP-ribosyltransferase C3'
2 non-polymer 'SULFATE ION'
3 water water
#
_entity_poly.entity_id   1
_entity_poly.type   'polypeptide(L)'
_entity_poly.pdbx_seq_one_letter_code
;GSPGISGGGGGSPYADSFKEFTNIDEARAWGDKQFAKYKLSSSEKNALTIYTRNAARINGPLRANQGNTNGLPADIRKEV
EQIDKSFTKMQTPENIILFRGDDPGYLGPDFENTILNRDGTINKAVFEQVKLRFKGKDRKEYGYISTSLVNGSAFAGRPI
ITKFKVLDGSKAGYIEPISTFKGQLEVLLPRSSTYTISDMQIAPNNKQIIITALLKR
;
_entity_poly.pdbx_strand_id   A,B
#
# COMPACT_ATOMS: atom_id res chain seq x y z
N PRO A 13 -18.46 14.96 27.45
CA PRO A 13 -18.60 16.00 26.42
C PRO A 13 -19.37 15.45 25.21
N TYR A 14 -19.44 14.12 25.07
CA TYR A 14 -20.19 13.54 23.96
C TYR A 14 -21.69 13.44 24.23
N ALA A 15 -22.09 13.90 25.40
CA ALA A 15 -23.49 13.90 25.73
C ALA A 15 -24.05 15.28 25.44
N ASP A 16 -23.16 16.23 25.16
CA ASP A 16 -23.57 17.59 24.75
C ASP A 16 -24.17 17.51 23.35
N SER A 17 -24.65 18.64 22.84
CA SER A 17 -25.27 18.67 21.52
C SER A 17 -24.22 18.70 20.42
N PHE A 18 -24.57 18.17 19.26
CA PHE A 18 -23.73 18.23 18.07
C PHE A 18 -24.62 18.65 16.92
N LYS A 19 -24.20 19.68 16.16
CA LYS A 19 -24.95 20.13 14.99
C LYS A 19 -24.92 19.06 13.93
N GLU A 20 -26.08 18.68 13.42
CA GLU A 20 -26.10 17.70 12.35
C GLU A 20 -26.74 18.33 11.13
N PHE A 21 -25.96 18.57 10.09
CA PHE A 21 -26.52 19.21 8.89
C PHE A 21 -27.32 18.23 8.07
N THR A 22 -28.42 18.69 7.48
CA THR A 22 -29.27 17.85 6.64
C THR A 22 -29.57 18.62 5.34
N ASN A 23 -29.48 19.95 5.46
CA ASN A 23 -29.72 20.86 4.35
C ASN A 23 -28.43 21.11 3.59
N ILE A 24 -28.35 20.60 2.36
CA ILE A 24 -27.15 20.73 1.54
C ILE A 24 -26.64 22.16 1.33
N ASP A 25 -27.56 23.11 1.22
CA ASP A 25 -27.19 24.51 1.01
C ASP A 25 -26.70 25.23 2.28
N GLU A 26 -27.34 24.99 3.42
CA GLU A 26 -26.87 25.62 4.66
C GLU A 26 -25.47 25.09 4.94
N ALA A 27 -25.30 23.79 4.71
CA ALA A 27 -24.04 23.08 4.95
C ALA A 27 -22.95 23.64 4.06
N ARG A 28 -23.25 23.73 2.76
CA ARG A 28 -22.27 24.26 1.81
C ARG A 28 -21.86 25.71 2.13
N ALA A 29 -22.83 26.54 2.53
CA ALA A 29 -22.52 27.92 2.93
C ALA A 29 -21.62 28.02 4.17
N TRP A 30 -21.93 27.23 5.19
CA TRP A 30 -21.18 27.20 6.44
C TRP A 30 -19.73 26.78 6.17
N GLY A 31 -19.58 25.71 5.38
CA GLY A 31 -18.27 25.16 5.07
C GLY A 31 -17.46 26.11 4.23
N ASP A 32 -18.10 26.70 3.23
CA ASP A 32 -17.41 27.68 2.37
C ASP A 32 -16.86 28.82 3.21
N LYS A 33 -17.64 29.26 4.19
CA LYS A 33 -17.23 30.34 5.08
C LYS A 33 -16.08 29.89 5.98
N GLN A 34 -16.14 28.67 6.49
CA GLN A 34 -15.00 28.15 7.25
C GLN A 34 -13.71 28.11 6.41
N PHE A 35 -13.81 27.53 5.22
CA PHE A 35 -12.64 27.37 4.37
C PHE A 35 -11.92 28.71 4.12
N ALA A 36 -12.72 29.74 3.86
CA ALA A 36 -12.12 31.07 3.67
C ALA A 36 -11.32 31.54 4.91
N LYS A 37 -11.82 31.24 6.10
CA LYS A 37 -11.17 31.66 7.33
C LYS A 37 -9.84 30.95 7.66
N TYR A 38 -9.64 29.74 7.12
CA TYR A 38 -8.39 29.03 7.37
C TYR A 38 -7.16 29.79 6.84
N LYS A 39 -7.31 30.50 5.74
CA LYS A 39 -6.13 31.14 5.12
C LYS A 39 -5.01 30.12 4.84
N LEU A 40 -5.34 29.01 4.19
CA LEU A 40 -4.31 28.02 3.91
C LEU A 40 -3.28 28.54 2.91
N SER A 41 -2.05 28.06 3.03
CA SER A 41 -1.00 28.43 2.08
C SER A 41 -1.22 27.76 0.75
N SER A 42 -0.58 28.27 -0.28
CA SER A 42 -0.68 27.69 -1.61
C SER A 42 -0.21 26.24 -1.50
N SER A 43 0.87 26.00 -0.77
CA SER A 43 1.40 24.64 -0.66
C SER A 43 0.46 23.66 0.07
N GLU A 44 -0.25 24.17 1.07
CA GLU A 44 -1.21 23.34 1.81
C GLU A 44 -2.37 23.02 0.90
N LYS A 45 -2.88 24.03 0.21
CA LYS A 45 -3.98 23.80 -0.72
C LYS A 45 -3.62 22.77 -1.79
N ASN A 46 -2.43 22.90 -2.35
CA ASN A 46 -1.92 21.96 -3.39
C ASN A 46 -1.91 20.56 -2.84
N ALA A 47 -1.34 20.38 -1.65
CA ALA A 47 -1.28 19.06 -1.03
C ALA A 47 -2.68 18.49 -0.78
N LEU A 48 -3.61 19.31 -0.30
CA LEU A 48 -4.98 18.84 -0.08
C LEU A 48 -5.65 18.43 -1.41
N THR A 49 -5.36 19.19 -2.48
CA THR A 49 -5.94 18.86 -3.76
C THR A 49 -5.42 17.50 -4.21
N ILE A 50 -4.12 17.28 -4.04
CA ILE A 50 -3.48 16.03 -4.42
C ILE A 50 -4.11 14.87 -3.64
N TYR A 51 -4.35 15.12 -2.35
CA TYR A 51 -4.98 14.11 -1.52
C TYR A 51 -6.33 13.71 -2.08
N THR A 52 -7.15 14.71 -2.44
CA THR A 52 -8.50 14.44 -2.95
C THR A 52 -8.49 13.71 -4.30
N ARG A 53 -7.48 13.96 -5.12
CA ARG A 53 -7.42 13.31 -6.43
C ARG A 53 -7.27 11.78 -6.26
N ASN A 54 -6.48 11.37 -5.27
CA ASN A 54 -6.25 9.93 -5.04
C ASN A 54 -5.82 9.68 -3.60
N ALA A 55 -6.79 9.72 -2.70
CA ALA A 55 -6.52 9.58 -1.28
C ALA A 55 -5.75 8.30 -0.93
N ALA A 56 -6.10 7.18 -1.58
CA ALA A 56 -5.40 5.91 -1.32
C ALA A 56 -3.88 5.94 -1.56
N ARG A 57 -3.43 6.83 -2.45
CA ARG A 57 -2.01 6.98 -2.70
C ARG A 57 -1.28 7.47 -1.47
N ILE A 58 -1.99 8.18 -0.61
CA ILE A 58 -1.39 8.71 0.60
C ILE A 58 -1.77 7.84 1.80
N ASN A 59 -3.02 7.48 1.90
CA ASN A 59 -3.47 6.70 3.08
C ASN A 59 -2.88 5.30 3.11
N GLY A 60 -2.70 4.71 1.95
CA GLY A 60 -2.16 3.35 1.90
C GLY A 60 -0.80 3.30 2.54
N PRO A 61 0.17 4.07 2.02
CA PRO A 61 1.49 4.14 2.64
C PRO A 61 1.44 4.56 4.14
N LEU A 62 0.53 5.46 4.51
CA LEU A 62 0.43 5.85 5.93
C LEU A 62 0.07 4.61 6.78
N ARG A 63 -0.88 3.83 6.26
CA ARG A 63 -1.33 2.69 7.00
C ARG A 63 -0.21 1.66 7.11
N ALA A 64 0.56 1.49 6.03
CA ALA A 64 1.63 0.48 6.02
C ALA A 64 2.71 0.84 7.02
N ASN A 65 2.89 2.11 7.27
CA ASN A 65 3.96 2.59 8.12
C ASN A 65 3.49 2.99 9.51
N GLN A 66 2.22 2.70 9.81
CA GLN A 66 1.62 3.06 11.09
C GLN A 66 1.98 4.51 11.47
N GLY A 67 1.80 5.42 10.50
CA GLY A 67 2.06 6.83 10.70
C GLY A 67 3.52 7.26 10.77
N ASN A 68 4.45 6.31 10.61
CA ASN A 68 5.88 6.63 10.62
C ASN A 68 6.25 7.27 9.30
N THR A 69 6.42 8.59 9.31
CA THR A 69 6.75 9.30 8.07
C THR A 69 8.05 8.91 7.40
N ASN A 70 8.99 8.36 8.17
CA ASN A 70 10.29 7.93 7.59
C ASN A 70 10.14 6.82 6.56
N GLY A 71 9.06 6.05 6.69
CA GLY A 71 8.79 4.96 5.76
C GLY A 71 8.06 5.36 4.52
N LEU A 72 7.66 6.63 4.40
CA LEU A 72 6.94 7.02 3.19
C LEU A 72 7.95 7.40 2.11
N PRO A 73 7.60 7.19 0.82
CA PRO A 73 8.45 7.69 -0.26
C PRO A 73 8.48 9.20 -0.04
N ALA A 74 9.55 9.86 -0.47
CA ALA A 74 9.68 11.30 -0.21
C ALA A 74 8.51 12.16 -0.68
N ASP A 75 8.03 11.93 -1.90
CA ASP A 75 6.95 12.81 -2.35
C ASP A 75 5.71 12.73 -1.45
N ILE A 76 5.38 11.52 -0.99
CA ILE A 76 4.19 11.30 -0.16
C ILE A 76 4.46 11.94 1.19
N ARG A 77 5.68 11.76 1.67
CA ARG A 77 6.04 12.34 2.95
C ARG A 77 5.81 13.85 2.99
N LYS A 78 6.28 14.52 1.95
CA LYS A 78 6.17 15.97 1.84
C LYS A 78 4.70 16.41 1.77
N GLU A 79 3.88 15.60 1.11
CA GLU A 79 2.45 15.89 0.98
C GLU A 79 1.79 15.77 2.33
N VAL A 80 2.16 14.74 3.08
CA VAL A 80 1.66 14.53 4.43
C VAL A 80 2.09 15.65 5.35
N GLU A 81 3.35 16.08 5.24
CA GLU A 81 3.78 17.21 6.07
C GLU A 81 2.92 18.47 5.84
N GLN A 82 2.56 18.75 4.58
CA GLN A 82 1.77 19.95 4.23
C GLN A 82 0.31 19.82 4.69
N ILE A 83 -0.23 18.62 4.55
CA ILE A 83 -1.60 18.41 5.05
C ILE A 83 -1.58 18.53 6.57
N ASP A 84 -0.57 17.96 7.20
CA ASP A 84 -0.52 18.06 8.66
C ASP A 84 -0.44 19.55 9.02
N LYS A 85 0.36 20.29 8.26
CA LYS A 85 0.52 21.73 8.51
C LYS A 85 -0.79 22.46 8.33
N SER A 86 -1.55 22.06 7.32
CA SER A 86 -2.85 22.62 7.06
C SER A 86 -3.79 22.46 8.29
N PHE A 87 -3.64 21.39 9.07
CA PHE A 87 -4.48 21.20 10.24
C PHE A 87 -4.16 22.15 11.41
N THR A 88 -2.99 22.79 11.39
CA THR A 88 -2.71 23.79 12.42
C THR A 88 -3.67 24.99 12.20
N LYS A 89 -4.33 25.03 11.05
CA LYS A 89 -5.24 26.13 10.71
C LYS A 89 -6.71 25.76 10.71
N MET A 90 -6.97 24.45 10.67
CA MET A 90 -8.32 23.92 10.55
C MET A 90 -8.85 23.20 11.77
N GLN A 91 -9.83 23.84 12.41
CA GLN A 91 -10.53 23.22 13.51
C GLN A 91 -12.01 23.45 13.35
N THR A 92 -12.82 22.58 13.95
CA THR A 92 -14.25 22.83 13.88
C THR A 92 -14.53 23.86 14.98
N PRO A 93 -15.41 24.85 14.70
CA PRO A 93 -15.76 25.92 15.67
C PRO A 93 -16.96 25.52 16.54
N GLU A 94 -17.42 24.28 16.41
CA GLU A 94 -18.58 23.86 17.19
C GLU A 94 -18.66 22.33 17.18
N ASN A 95 -19.40 21.75 18.12
CA ASN A 95 -19.59 20.29 18.15
C ASN A 95 -20.35 19.99 16.88
N ILE A 96 -19.88 19.03 16.10
CA ILE A 96 -20.58 18.71 14.86
C ILE A 96 -20.57 17.21 14.58
N ILE A 97 -21.51 16.77 13.75
CA ILE A 97 -21.51 15.36 13.34
C ILE A 97 -20.91 15.33 11.91
N LEU A 98 -20.05 14.37 11.63
CA LEU A 98 -19.48 14.20 10.28
C LEU A 98 -19.85 12.79 9.81
N PHE A 99 -20.12 12.61 8.52
CA PHE A 99 -20.55 11.26 8.10
C PHE A 99 -19.51 10.64 7.18
N ARG A 100 -19.40 9.31 7.18
CA ARG A 100 -18.45 8.71 6.25
C ARG A 100 -19.04 7.39 5.79
N GLY A 101 -18.87 7.09 4.50
CA GLY A 101 -19.34 5.81 4.00
C GLY A 101 -18.14 4.92 3.78
N ASP A 102 -18.31 3.63 4.10
CA ASP A 102 -17.22 2.67 3.97
C ASP A 102 -17.71 1.35 3.39
N ASP A 103 -16.79 0.62 2.76
CA ASP A 103 -17.00 -0.74 2.26
C ASP A 103 -16.62 -1.76 3.34
N PRO A 104 -17.01 -3.05 3.17
CA PRO A 104 -16.80 -4.04 4.23
C PRO A 104 -15.35 -4.19 4.69
N GLY A 105 -14.43 -3.90 3.79
CA GLY A 105 -13.00 -3.91 4.04
C GLY A 105 -12.65 -3.11 5.29
N TYR A 106 -13.47 -2.10 5.58
CA TYR A 106 -13.28 -1.30 6.80
C TYR A 106 -13.29 -2.17 8.07
N LEU A 107 -14.08 -3.25 8.04
CA LEU A 107 -14.20 -4.14 9.20
C LEU A 107 -13.07 -5.17 9.33
N GLY A 108 -12.19 -5.21 8.35
CA GLY A 108 -11.09 -6.16 8.38
C GLY A 108 -11.34 -7.40 7.54
N PRO A 109 -10.28 -8.15 7.23
CA PRO A 109 -10.41 -9.35 6.41
C PRO A 109 -11.32 -10.44 6.99
N ASP A 110 -11.39 -10.56 8.30
CA ASP A 110 -12.26 -11.57 8.92
C ASP A 110 -13.72 -11.34 8.59
N PHE A 111 -14.07 -10.11 8.20
CA PHE A 111 -15.47 -9.77 7.98
C PHE A 111 -15.77 -9.28 6.58
N GLU A 112 -14.74 -8.83 5.85
CA GLU A 112 -14.89 -8.25 4.49
C GLU A 112 -15.87 -9.00 3.61
N ASN A 113 -15.68 -10.32 3.49
CA ASN A 113 -16.51 -11.10 2.56
C ASN A 113 -17.68 -11.83 3.22
N THR A 114 -17.84 -11.70 4.54
CA THR A 114 -18.92 -12.40 5.23
C THR A 114 -20.06 -11.51 5.76
N ILE A 115 -19.82 -10.21 5.94
CA ILE A 115 -20.85 -9.36 6.53
C ILE A 115 -22.11 -9.14 5.71
N LEU A 116 -22.00 -9.24 4.38
CA LEU A 116 -23.18 -9.06 3.53
C LEU A 116 -23.71 -10.39 3.01
N ASN A 117 -25.02 -10.53 3.02
CA ASN A 117 -25.65 -11.69 2.41
C ASN A 117 -25.54 -11.48 0.90
N ARG A 118 -25.73 -12.55 0.11
CA ARG A 118 -25.62 -12.46 -1.35
C ARG A 118 -26.51 -11.39 -1.96
N ASP A 119 -27.66 -11.11 -1.34
CA ASP A 119 -28.56 -10.09 -1.84
C ASP A 119 -28.21 -8.68 -1.36
N GLY A 120 -27.16 -8.56 -0.55
CA GLY A 120 -26.76 -7.25 -0.06
C GLY A 120 -27.25 -6.87 1.32
N THR A 121 -28.09 -7.72 1.93
CA THR A 121 -28.55 -7.45 3.29
C THR A 121 -27.41 -7.77 4.29
N ILE A 122 -27.48 -7.22 5.50
CA ILE A 122 -26.46 -7.49 6.51
C ILE A 122 -26.68 -8.89 7.10
N ASN A 123 -25.63 -9.71 7.06
CA ASN A 123 -25.69 -11.01 7.69
C ASN A 123 -25.73 -10.76 9.20
N LYS A 124 -26.90 -10.97 9.80
CA LYS A 124 -27.10 -10.73 11.22
C LYS A 124 -26.19 -11.50 12.17
N ALA A 125 -25.99 -12.78 11.92
CA ALA A 125 -25.12 -13.54 12.82
C ALA A 125 -23.70 -12.99 12.74
N VAL A 126 -23.30 -12.58 11.56
CA VAL A 126 -21.94 -12.02 11.40
C VAL A 126 -21.86 -10.66 12.07
N PHE A 127 -22.92 -9.86 11.93
CA PHE A 127 -22.96 -8.53 12.56
C PHE A 127 -22.71 -8.67 14.07
N GLU A 128 -23.29 -9.71 14.68
CA GLU A 128 -23.09 -9.89 16.11
C GLU A 128 -21.63 -10.06 16.45
N GLN A 129 -20.89 -10.72 15.57
CA GLN A 129 -19.45 -10.89 15.79
C GLN A 129 -18.75 -9.56 15.60
N VAL A 130 -19.22 -8.78 14.64
CA VAL A 130 -18.63 -7.46 14.36
C VAL A 130 -18.75 -6.57 15.63
N LYS A 131 -19.95 -6.54 16.19
CA LYS A 131 -20.20 -5.74 17.38
C LYS A 131 -19.28 -6.14 18.51
N LEU A 132 -19.19 -7.44 18.75
CA LEU A 132 -18.37 -7.96 19.79
C LEU A 132 -16.98 -7.46 19.60
N ARG A 133 -16.46 -7.57 18.38
CA ARG A 133 -15.11 -7.12 18.14
C ARG A 133 -14.90 -5.62 18.33
N PHE A 134 -15.83 -4.80 17.85
CA PHE A 134 -15.56 -3.35 17.81
C PHE A 134 -16.34 -2.46 18.79
N LYS A 135 -17.50 -2.91 19.21
CA LYS A 135 -18.33 -1.99 20.01
C LYS A 135 -17.74 -1.68 21.37
N GLY A 136 -17.57 -0.39 21.66
CA GLY A 136 -17.06 0.06 22.94
C GLY A 136 -15.56 0.06 22.99
N LYS A 137 -14.94 -0.15 21.83
CA LYS A 137 -13.49 -0.13 21.76
C LYS A 137 -13.01 1.08 20.95
N ASP A 138 -11.75 1.46 21.18
CA ASP A 138 -11.12 2.54 20.44
C ASP A 138 -10.50 1.97 19.17
N ARG A 139 -10.51 2.81 18.15
CA ARG A 139 -9.95 2.45 16.87
C ARG A 139 -9.06 3.63 16.48
N LYS A 140 -7.84 3.33 16.03
CA LYS A 140 -6.94 4.38 15.55
C LYS A 140 -6.74 4.18 14.03
N GLU A 141 -6.84 5.26 13.27
CA GLU A 141 -6.75 5.20 11.81
C GLU A 141 -5.49 5.93 11.44
N TYR A 142 -4.61 5.28 10.69
CA TYR A 142 -3.33 5.92 10.36
C TYR A 142 -3.42 6.81 9.13
N GLY A 143 -4.39 6.57 8.25
CA GLY A 143 -4.56 7.47 7.12
C GLY A 143 -5.40 8.67 7.56
N TYR A 144 -5.59 9.64 6.67
CA TYR A 144 -6.52 10.74 6.98
C TYR A 144 -7.93 10.16 6.88
N ILE A 145 -8.92 10.81 7.51
CA ILE A 145 -10.28 10.32 7.36
C ILE A 145 -11.09 11.38 6.60
N SER A 146 -11.62 10.99 5.44
CA SER A 146 -12.50 11.85 4.64
C SER A 146 -13.94 11.63 5.13
N THR A 147 -14.66 12.72 5.30
CA THR A 147 -16.02 12.65 5.76
C THR A 147 -16.82 13.66 4.99
N SER A 148 -18.13 13.67 5.25
CA SER A 148 -19.02 14.66 4.64
C SER A 148 -19.86 15.33 5.75
N LEU A 149 -20.25 16.59 5.53
CA LEU A 149 -21.11 17.31 6.49
C LEU A 149 -22.51 16.71 6.44
N VAL A 150 -22.83 16.09 5.32
CA VAL A 150 -24.16 15.54 5.11
C VAL A 150 -24.17 14.06 4.74
N ASN A 151 -25.16 13.33 5.24
CA ASN A 151 -25.32 11.93 4.86
C ASN A 151 -26.03 12.01 3.51
N GLY A 152 -25.23 12.27 2.47
CA GLY A 152 -25.70 12.48 1.11
C GLY A 152 -25.67 11.29 0.17
N SER A 153 -26.05 11.57 -1.08
CA SER A 153 -26.10 10.59 -2.15
C SER A 153 -24.70 10.11 -2.50
N ALA A 154 -23.69 10.80 -1.99
CA ALA A 154 -22.33 10.36 -2.24
C ALA A 154 -22.14 8.99 -1.56
N PHE A 155 -22.95 8.71 -0.53
CA PHE A 155 -22.85 7.43 0.17
C PHE A 155 -23.84 6.35 -0.31
N ALA A 156 -24.50 6.62 -1.42
CA ALA A 156 -25.43 5.65 -1.97
C ALA A 156 -24.79 4.28 -2.12
N GLY A 157 -25.47 3.26 -1.65
CA GLY A 157 -24.99 1.89 -1.78
C GLY A 157 -23.82 1.52 -0.90
N ARG A 158 -23.36 2.42 0.00
CA ARG A 158 -22.25 2.05 0.89
C ARG A 158 -22.89 1.25 1.98
N PRO A 159 -22.30 0.11 2.34
CA PRO A 159 -22.92 -0.73 3.36
C PRO A 159 -22.61 -0.34 4.81
N ILE A 160 -21.70 0.61 4.99
CA ILE A 160 -21.35 1.07 6.33
C ILE A 160 -21.36 2.59 6.35
N ILE A 161 -22.03 3.16 7.35
CA ILE A 161 -22.09 4.60 7.53
C ILE A 161 -21.65 4.85 8.97
N THR A 162 -20.62 5.67 9.10
CA THR A 162 -20.14 6.12 10.41
C THR A 162 -20.54 7.56 10.64
N LYS A 163 -21.07 7.85 11.83
CA LYS A 163 -21.44 9.21 12.22
C LYS A 163 -20.48 9.54 13.34
N PHE A 164 -19.55 10.46 13.08
CA PHE A 164 -18.54 10.85 14.07
C PHE A 164 -19.09 12.00 14.87
N LYS A 165 -18.91 11.97 16.18
CA LYS A 165 -19.30 13.13 16.99
C LYS A 165 -17.95 13.84 17.25
N VAL A 166 -17.81 15.04 16.69
CA VAL A 166 -16.55 15.78 16.72
C VAL A 166 -16.77 17.00 17.58
N LEU A 167 -15.91 17.17 18.57
CA LEU A 167 -16.07 18.26 19.54
C LEU A 167 -15.47 19.54 19.05
N ASP A 168 -16.06 20.63 19.48
CA ASP A 168 -15.59 21.97 19.18
C ASP A 168 -14.11 22.03 19.50
N GLY A 169 -13.32 22.54 18.57
CA GLY A 169 -11.90 22.73 18.78
C GLY A 169 -11.02 21.65 18.20
N SER A 170 -11.65 20.55 17.78
CA SER A 170 -10.92 19.44 17.22
C SER A 170 -10.42 19.77 15.81
N LYS A 171 -9.23 19.30 15.47
CA LYS A 171 -8.76 19.49 14.12
C LYS A 171 -9.70 18.81 13.12
N ALA A 172 -10.15 19.59 12.14
CA ALA A 172 -11.09 19.14 11.10
C ALA A 172 -11.20 20.28 10.10
N GLY A 173 -11.11 19.98 8.81
CA GLY A 173 -11.20 21.03 7.82
C GLY A 173 -12.20 20.77 6.72
N TYR A 174 -13.03 21.77 6.45
CA TYR A 174 -13.97 21.72 5.32
C TYR A 174 -13.08 22.04 4.09
N ILE A 175 -12.80 21.00 3.29
CA ILE A 175 -11.87 21.15 2.18
C ILE A 175 -12.55 21.05 0.82
N GLU A 176 -13.88 20.93 0.83
CA GLU A 176 -14.64 20.80 -0.42
C GLU A 176 -14.25 21.78 -1.54
N PRO A 177 -13.94 23.06 -1.21
CA PRO A 177 -13.64 24.00 -2.30
C PRO A 177 -12.42 23.65 -3.14
N ILE A 178 -11.38 23.09 -2.53
CA ILE A 178 -10.15 22.74 -3.28
C ILE A 178 -10.10 21.27 -3.70
N SER A 179 -11.24 20.61 -3.67
CA SER A 179 -11.30 19.21 -4.04
C SER A 179 -11.40 19.07 -5.56
N THR A 180 -10.93 17.94 -6.07
CA THR A 180 -11.01 17.65 -7.50
C THR A 180 -12.40 17.13 -7.81
N PHE A 181 -13.19 16.89 -6.77
CA PHE A 181 -14.56 16.40 -6.94
C PHE A 181 -15.59 17.49 -6.61
N LYS A 182 -16.86 17.25 -6.95
CA LYS A 182 -17.90 18.24 -6.69
C LYS A 182 -19.04 17.70 -5.82
N GLY A 183 -19.83 18.63 -5.30
CA GLY A 183 -20.97 18.36 -4.44
C GLY A 183 -20.80 17.21 -3.47
N GLN A 184 -19.76 17.27 -2.63
CA GLN A 184 -19.55 16.21 -1.66
C GLN A 184 -19.46 16.70 -0.21
N LEU A 185 -19.48 18.02 -0.02
CA LEU A 185 -19.37 18.63 1.31
C LEU A 185 -18.25 17.97 2.14
N GLU A 186 -17.12 17.75 1.49
CA GLU A 186 -16.00 17.10 2.13
C GLU A 186 -15.33 17.79 3.32
N VAL A 187 -15.25 17.06 4.42
CA VAL A 187 -14.52 17.54 5.60
C VAL A 187 -13.43 16.50 5.88
N LEU A 188 -12.20 16.96 6.12
CA LEU A 188 -11.12 16.04 6.38
C LEU A 188 -10.72 16.01 7.83
N LEU A 189 -10.47 14.81 8.33
CA LEU A 189 -9.92 14.64 9.68
C LEU A 189 -8.42 14.26 9.61
N PRO A 190 -7.61 14.74 10.59
CA PRO A 190 -6.20 14.39 10.68
C PRO A 190 -5.94 12.88 10.63
N ARG A 191 -4.71 12.55 10.25
CA ARG A 191 -4.24 11.18 10.23
C ARG A 191 -3.95 10.79 11.69
N SER A 192 -3.93 9.49 11.95
CA SER A 192 -3.71 8.99 13.31
C SER A 192 -4.77 9.46 14.29
N SER A 193 -5.99 9.61 13.78
CA SER A 193 -7.15 9.99 14.62
C SER A 193 -7.62 8.75 15.41
N THR A 194 -8.10 8.96 16.62
CA THR A 194 -8.62 7.89 17.46
C THR A 194 -10.06 8.20 17.77
N TYR A 195 -10.88 7.18 17.71
CA TYR A 195 -12.26 7.29 18.05
C TYR A 195 -12.80 6.05 18.78
N THR A 196 -13.78 6.29 19.63
CA THR A 196 -14.46 5.19 20.33
C THR A 196 -15.69 4.84 19.52
N ILE A 197 -15.86 3.57 19.22
CA ILE A 197 -17.08 3.11 18.54
C ILE A 197 -18.05 2.93 19.66
N SER A 198 -18.91 3.92 19.89
CA SER A 198 -19.86 3.87 20.99
C SER A 198 -21.04 2.95 20.70
N ASP A 199 -21.41 2.82 19.42
CA ASP A 199 -22.50 1.94 19.03
C ASP A 199 -22.37 1.46 17.59
N MET A 200 -23.03 0.33 17.30
CA MET A 200 -23.11 -0.22 15.96
C MET A 200 -24.49 -0.82 15.79
N GLN A 201 -25.20 -0.40 14.75
CA GLN A 201 -26.56 -0.90 14.55
C GLN A 201 -26.84 -1.24 13.11
N ILE A 202 -27.79 -2.13 12.88
CA ILE A 202 -28.21 -2.39 11.50
C ILE A 202 -29.33 -1.40 11.18
N ALA A 203 -29.23 -0.71 10.04
CA ALA A 203 -30.25 0.26 9.61
C ALA A 203 -31.60 -0.44 9.33
N PRO A 204 -32.72 0.31 9.44
CA PRO A 204 -34.05 -0.28 9.17
C PRO A 204 -34.14 -0.99 7.81
N ASN A 205 -33.46 -0.44 6.81
CA ASN A 205 -33.49 -1.00 5.46
C ASN A 205 -32.74 -2.34 5.35
N ASN A 206 -32.12 -2.74 6.46
CA ASN A 206 -31.34 -3.98 6.54
C ASN A 206 -30.17 -4.12 5.59
N LYS A 207 -29.71 -3.02 5.00
CA LYS A 207 -28.62 -3.09 4.06
C LYS A 207 -27.41 -2.23 4.45
N GLN A 208 -27.50 -1.65 5.63
CA GLN A 208 -26.42 -0.80 6.14
C GLN A 208 -26.17 -0.98 7.61
N ILE A 209 -24.91 -0.79 7.99
CA ILE A 209 -24.51 -0.80 9.38
C ILE A 209 -24.20 0.67 9.68
N ILE A 210 -24.74 1.18 10.79
CA ILE A 210 -24.53 2.54 11.24
C ILE A 210 -23.65 2.51 12.47
N ILE A 211 -22.52 3.18 12.36
CA ILE A 211 -21.53 3.22 13.43
C ILE A 211 -21.53 4.58 14.11
N THR A 212 -21.55 4.59 15.44
CA THR A 212 -21.51 5.85 16.16
C THR A 212 -20.13 5.95 16.71
N ALA A 213 -19.39 6.96 16.28
CA ALA A 213 -17.99 7.06 16.66
C ALA A 213 -17.76 8.35 17.43
N LEU A 214 -17.03 8.26 18.52
CA LEU A 214 -16.71 9.44 19.34
C LEU A 214 -15.27 9.81 19.07
N LEU A 215 -15.06 10.88 18.32
CA LEU A 215 -13.72 11.27 17.96
C LEU A 215 -12.98 11.85 19.15
N LYS A 216 -11.78 11.32 19.43
CA LYS A 216 -10.94 11.81 20.54
C LYS A 216 -10.36 13.18 20.19
N ARG A 217 -10.56 14.16 21.07
CA ARG A 217 -10.06 15.52 20.80
C ARG A 217 -8.67 15.67 21.39
N PRO B 13 5.55 7.35 -14.01
CA PRO B 13 5.36 6.88 -12.63
C PRO B 13 6.67 6.50 -11.97
N TYR B 14 7.67 6.17 -12.78
CA TYR B 14 9.00 5.85 -12.24
C TYR B 14 9.77 7.09 -11.91
N ALA B 15 9.17 8.24 -12.22
CA ALA B 15 9.76 9.54 -11.89
C ALA B 15 9.40 9.91 -10.46
N ASP B 16 8.31 9.31 -9.95
CA ASP B 16 7.88 9.55 -8.59
C ASP B 16 8.87 8.97 -7.59
N SER B 17 8.63 9.21 -6.30
CA SER B 17 9.52 8.69 -5.27
C SER B 17 9.28 7.22 -5.00
N PHE B 18 10.34 6.53 -4.59
CA PHE B 18 10.29 5.13 -4.21
C PHE B 18 10.97 5.02 -2.89
N LYS B 19 10.33 4.40 -1.91
CA LYS B 19 10.97 4.26 -0.61
C LYS B 19 12.13 3.26 -0.69
N GLU B 20 13.31 3.66 -0.26
CA GLU B 20 14.45 2.72 -0.24
C GLU B 20 14.83 2.53 1.21
N PHE B 21 14.57 1.34 1.74
CA PHE B 21 14.83 1.08 3.14
C PHE B 21 16.32 0.86 3.35
N THR B 22 16.88 1.53 4.36
CA THR B 22 18.28 1.35 4.73
C THR B 22 18.32 0.91 6.20
N ASN B 23 17.27 1.27 6.94
CA ASN B 23 17.09 0.88 8.35
C ASN B 23 16.49 -0.51 8.38
N ILE B 24 17.33 -1.48 8.69
CA ILE B 24 16.94 -2.89 8.74
C ILE B 24 15.78 -3.22 9.69
N ASP B 25 15.85 -2.69 10.91
CA ASP B 25 14.79 -2.93 11.87
C ASP B 25 13.46 -2.33 11.39
N GLU B 26 13.49 -1.11 10.86
CA GLU B 26 12.25 -0.49 10.39
C GLU B 26 11.68 -1.33 9.23
N ALA B 27 12.54 -1.79 8.33
CA ALA B 27 12.12 -2.56 7.15
C ALA B 27 11.51 -3.88 7.60
N ARG B 28 12.18 -4.54 8.53
CA ARG B 28 11.70 -5.80 9.06
C ARG B 28 10.33 -5.62 9.73
N ALA B 29 10.16 -4.53 10.47
CA ALA B 29 8.87 -4.28 11.13
C ALA B 29 7.79 -4.04 10.07
N TRP B 30 8.15 -3.27 9.04
CA TRP B 30 7.22 -2.93 7.96
C TRP B 30 6.80 -4.24 7.27
N GLY B 31 7.78 -5.07 6.94
CA GLY B 31 7.53 -6.32 6.25
C GLY B 31 6.71 -7.30 7.08
N ASP B 32 7.02 -7.41 8.37
CA ASP B 32 6.28 -8.30 9.25
C ASP B 32 4.81 -7.90 9.31
N LYS B 33 4.56 -6.60 9.35
CA LYS B 33 3.18 -6.14 9.39
C LYS B 33 2.47 -6.49 8.09
N GLN B 34 3.19 -6.35 6.97
CA GLN B 34 2.61 -6.69 5.68
C GLN B 34 2.27 -8.19 5.67
N PHE B 35 3.23 -9.01 6.07
CA PHE B 35 3.02 -10.46 6.04
C PHE B 35 1.80 -10.86 6.88
N ALA B 36 1.63 -10.24 8.04
CA ALA B 36 0.45 -10.53 8.89
C ALA B 36 -0.84 -10.19 8.12
N LYS B 37 -0.81 -9.07 7.38
CA LYS B 37 -2.01 -8.59 6.67
C LYS B 37 -2.43 -9.41 5.49
N TYR B 38 -1.49 -10.10 4.86
CA TYR B 38 -1.85 -10.96 3.73
C TYR B 38 -2.92 -12.02 4.06
N LYS B 39 -2.90 -12.56 5.27
CA LYS B 39 -3.82 -13.70 5.61
C LYS B 39 -3.64 -14.87 4.64
N LEU B 40 -2.40 -15.26 4.39
CA LEU B 40 -2.15 -16.36 3.47
C LEU B 40 -2.71 -17.66 4.01
N SER B 41 -3.24 -18.48 3.11
CA SER B 41 -3.76 -19.79 3.52
C SER B 41 -2.62 -20.75 3.86
N SER B 42 -2.95 -21.87 4.49
CA SER B 42 -1.98 -22.87 4.83
C SER B 42 -1.27 -23.37 3.59
N SER B 43 -2.02 -23.71 2.57
CA SER B 43 -1.43 -24.27 1.37
C SER B 43 -0.53 -23.26 0.62
N GLU B 44 -0.86 -21.98 0.79
CA GLU B 44 -0.10 -20.90 0.16
C GLU B 44 1.21 -20.76 0.87
N LYS B 45 1.19 -20.79 2.20
CA LYS B 45 2.44 -20.67 2.97
C LYS B 45 3.32 -21.88 2.67
N ASN B 46 2.71 -23.05 2.62
CA ASN B 46 3.47 -24.27 2.34
C ASN B 46 4.14 -24.17 0.97
N ALA B 47 3.40 -23.74 -0.04
CA ALA B 47 3.95 -23.60 -1.40
C ALA B 47 5.15 -22.63 -1.39
N LEU B 48 5.00 -21.53 -0.67
CA LEU B 48 6.08 -20.54 -0.57
C LEU B 48 7.26 -21.13 0.19
N THR B 49 6.98 -21.93 1.20
CA THR B 49 8.06 -22.61 1.92
C THR B 49 8.79 -23.59 1.00
N ILE B 50 8.03 -24.35 0.21
CA ILE B 50 8.60 -25.28 -0.76
C ILE B 50 9.47 -24.50 -1.74
N TYR B 51 8.96 -23.36 -2.22
CA TYR B 51 9.75 -22.53 -3.16
C TYR B 51 11.07 -22.10 -2.51
N THR B 52 11.01 -21.56 -1.29
CA THR B 52 12.23 -21.01 -0.66
C THR B 52 13.29 -22.07 -0.36
N ARG B 53 12.85 -23.30 -0.18
CA ARG B 53 13.76 -24.40 0.16
C ARG B 53 14.57 -24.79 -1.06
N ASN B 54 13.98 -24.63 -2.24
CA ASN B 54 14.67 -24.94 -3.50
C ASN B 54 14.04 -24.22 -4.70
N ALA B 55 14.38 -22.94 -4.83
CA ALA B 55 13.78 -22.12 -5.89
C ALA B 55 14.01 -22.69 -7.31
N ALA B 56 15.23 -23.17 -7.57
CA ALA B 56 15.57 -23.68 -8.91
C ALA B 56 14.68 -24.82 -9.37
N ARG B 57 14.17 -25.59 -8.40
CA ARG B 57 13.29 -26.71 -8.68
C ARG B 57 12.00 -26.28 -9.36
N ILE B 58 11.62 -25.04 -9.09
CA ILE B 58 10.42 -24.45 -9.65
C ILE B 58 10.78 -23.52 -10.84
N ASN B 59 11.77 -22.66 -10.63
CA ASN B 59 12.17 -21.71 -11.66
C ASN B 59 12.76 -22.34 -12.91
N GLY B 60 13.48 -23.42 -12.76
CA GLY B 60 14.09 -24.07 -13.90
C GLY B 60 13.05 -24.59 -14.86
N PRO B 61 12.09 -25.40 -14.38
CA PRO B 61 11.00 -25.85 -15.25
C PRO B 61 10.16 -24.67 -15.80
N LEU B 62 9.96 -23.63 -15.01
CA LEU B 62 9.18 -22.49 -15.48
C LEU B 62 9.89 -21.86 -16.68
N ARG B 63 11.19 -21.67 -16.57
CA ARG B 63 11.95 -21.09 -17.67
C ARG B 63 11.96 -22.00 -18.88
N ALA B 64 12.11 -23.31 -18.64
CA ALA B 64 12.15 -24.27 -19.74
C ALA B 64 10.85 -24.28 -20.49
N ASN B 65 9.77 -23.88 -19.83
CA ASN B 65 8.48 -23.91 -20.48
C ASN B 65 7.92 -22.53 -20.86
N GLN B 66 8.75 -21.50 -20.73
CA GLN B 66 8.30 -20.14 -21.04
C GLN B 66 6.97 -19.85 -20.34
N GLY B 67 6.89 -20.23 -19.07
CA GLY B 67 5.72 -19.94 -18.27
C GLY B 67 4.44 -20.71 -18.54
N ASN B 68 4.46 -21.57 -19.55
CA ASN B 68 3.29 -22.41 -19.92
C ASN B 68 3.13 -23.54 -18.89
N THR B 69 2.14 -23.42 -18.01
CA THR B 69 1.96 -24.42 -16.95
C THR B 69 1.63 -25.85 -17.44
N ASN B 70 1.32 -26.00 -18.72
CA ASN B 70 1.04 -27.33 -19.28
C ASN B 70 2.30 -28.18 -19.37
N GLY B 71 3.42 -27.54 -19.64
CA GLY B 71 4.67 -28.26 -19.77
C GLY B 71 5.27 -28.63 -18.44
N LEU B 72 4.66 -28.18 -17.34
CA LEU B 72 5.23 -28.46 -16.02
C LEU B 72 4.87 -29.86 -15.53
N PRO B 73 5.76 -30.51 -14.77
CA PRO B 73 5.34 -31.76 -14.16
C PRO B 73 4.19 -31.37 -13.21
N ALA B 74 3.36 -32.34 -12.83
CA ALA B 74 2.20 -32.05 -11.99
C ALA B 74 2.47 -31.41 -10.63
N ASP B 75 3.41 -31.95 -9.87
CA ASP B 75 3.68 -31.36 -8.56
C ASP B 75 4.13 -29.90 -8.69
N ILE B 76 5.03 -29.64 -9.64
CA ILE B 76 5.50 -28.26 -9.86
C ILE B 76 4.34 -27.36 -10.21
N ARG B 77 3.50 -27.82 -11.13
CA ARG B 77 2.33 -27.04 -11.58
C ARG B 77 1.43 -26.61 -10.42
N LYS B 78 1.17 -27.54 -9.51
CA LYS B 78 0.31 -27.28 -8.36
C LYS B 78 0.94 -26.23 -7.46
N GLU B 79 2.26 -26.35 -7.27
CA GLU B 79 2.99 -25.43 -6.40
C GLU B 79 2.95 -24.04 -7.02
N VAL B 80 3.17 -23.97 -8.33
CA VAL B 80 3.10 -22.67 -9.03
C VAL B 80 1.72 -22.08 -8.87
N GLU B 81 0.67 -22.91 -9.05
CA GLU B 81 -0.71 -22.45 -8.86
C GLU B 81 -0.94 -21.86 -7.47
N GLN B 82 -0.37 -22.48 -6.43
CA GLN B 82 -0.51 -22.00 -5.04
C GLN B 82 0.28 -20.70 -4.81
N ILE B 83 1.46 -20.60 -5.39
CA ILE B 83 2.22 -19.37 -5.24
C ILE B 83 1.50 -18.22 -5.99
N ASP B 84 0.95 -18.54 -7.16
CA ASP B 84 0.31 -17.51 -7.95
C ASP B 84 -0.92 -17.01 -7.21
N LYS B 85 -1.62 -17.95 -6.57
CA LYS B 85 -2.79 -17.60 -5.75
C LYS B 85 -2.35 -16.71 -4.58
N SER B 86 -1.23 -17.01 -3.97
CA SER B 86 -0.73 -16.17 -2.90
C SER B 86 -0.53 -14.73 -3.33
N PHE B 87 -0.06 -14.52 -4.57
CA PHE B 87 0.12 -13.16 -5.07
C PHE B 87 -1.18 -12.38 -5.25
N THR B 88 -2.34 -13.04 -5.19
CA THR B 88 -3.60 -12.30 -5.25
C THR B 88 -3.79 -11.58 -3.91
N LYS B 89 -3.05 -12.01 -2.91
CA LYS B 89 -3.16 -11.44 -1.57
C LYS B 89 -2.01 -10.50 -1.25
N MET B 90 -0.97 -10.55 -2.07
CA MET B 90 0.26 -9.80 -1.80
C MET B 90 0.59 -8.70 -2.78
N GLN B 91 0.45 -7.45 -2.33
CA GLN B 91 0.82 -6.31 -3.14
C GLN B 91 1.63 -5.31 -2.29
N THR B 92 2.50 -4.52 -2.92
CA THR B 92 3.23 -3.52 -2.15
C THR B 92 2.27 -2.37 -1.93
N PRO B 93 2.23 -1.81 -0.71
CA PRO B 93 1.27 -0.72 -0.52
C PRO B 93 1.89 0.67 -0.82
N GLU B 94 3.11 0.70 -1.34
CA GLU B 94 3.75 1.96 -1.69
C GLU B 94 4.86 1.70 -2.69
N ASN B 95 5.30 2.76 -3.35
CA ASN B 95 6.39 2.66 -4.34
C ASN B 95 7.61 2.31 -3.50
N ILE B 96 8.29 1.24 -3.86
CA ILE B 96 9.45 0.77 -3.08
C ILE B 96 10.59 0.33 -3.99
N ILE B 97 11.79 0.29 -3.43
CA ILE B 97 12.96 -0.24 -4.15
C ILE B 97 13.18 -1.62 -3.56
N LEU B 98 13.52 -2.59 -4.40
CA LEU B 98 13.87 -3.93 -3.92
C LEU B 98 15.24 -4.25 -4.49
N PHE B 99 16.04 -4.98 -3.71
CA PHE B 99 17.40 -5.33 -4.12
C PHE B 99 17.54 -6.81 -4.41
N ARG B 100 18.44 -7.11 -5.33
CA ARG B 100 18.69 -8.50 -5.62
C ARG B 100 20.15 -8.63 -6.03
N GLY B 101 20.76 -9.74 -5.68
CA GLY B 101 22.14 -9.98 -6.04
C GLY B 101 22.15 -11.14 -7.00
N ASP B 102 22.98 -11.05 -8.03
CA ASP B 102 23.09 -12.09 -9.03
C ASP B 102 24.54 -12.38 -9.37
N ASP B 103 24.77 -13.62 -9.80
CA ASP B 103 26.06 -14.10 -10.34
C ASP B 103 26.10 -13.77 -11.83
N PRO B 104 27.28 -13.90 -12.49
CA PRO B 104 27.40 -13.56 -13.93
C PRO B 104 26.47 -14.28 -14.91
N GLY B 105 25.97 -15.44 -14.52
CA GLY B 105 25.02 -16.19 -15.34
C GLY B 105 23.75 -15.42 -15.66
N TYR B 106 23.40 -14.47 -14.81
CA TYR B 106 22.20 -13.64 -15.02
C TYR B 106 22.28 -12.94 -16.37
N LEU B 107 23.50 -12.63 -16.80
CA LEU B 107 23.75 -11.97 -18.06
C LEU B 107 23.73 -12.88 -19.29
N GLY B 108 23.65 -14.19 -19.07
CA GLY B 108 23.61 -15.14 -20.18
C GLY B 108 24.98 -15.70 -20.47
N PRO B 109 25.02 -16.82 -21.21
CA PRO B 109 26.27 -17.52 -21.56
C PRO B 109 27.31 -16.69 -22.30
N ASP B 110 26.86 -15.71 -23.10
CA ASP B 110 27.79 -14.87 -23.89
C ASP B 110 28.67 -14.01 -22.98
N PHE B 111 28.23 -13.82 -21.73
CA PHE B 111 28.93 -12.92 -20.82
C PHE B 111 29.36 -13.57 -19.53
N GLU B 112 28.70 -14.64 -19.17
CA GLU B 112 28.89 -15.30 -17.89
C GLU B 112 30.35 -15.48 -17.50
N ASN B 113 31.18 -15.85 -18.48
CA ASN B 113 32.60 -16.10 -18.21
C ASN B 113 33.55 -15.00 -18.65
N THR B 114 33.03 -13.90 -19.20
CA THR B 114 33.89 -12.83 -19.70
C THR B 114 33.77 -11.51 -18.95
N ILE B 115 32.64 -11.33 -18.27
CA ILE B 115 32.36 -10.05 -17.64
C ILE B 115 33.29 -9.71 -16.47
N LEU B 116 33.85 -10.71 -15.80
CA LEU B 116 34.81 -10.45 -14.71
C LEU B 116 36.24 -10.75 -15.14
N ASN B 117 37.14 -9.85 -14.75
CA ASN B 117 38.56 -10.03 -14.98
C ASN B 117 39.00 -11.05 -13.95
N ARG B 118 40.20 -11.59 -14.13
CA ARG B 118 40.73 -12.60 -13.22
C ARG B 118 40.65 -12.21 -11.74
N ASP B 119 40.97 -10.95 -11.46
CA ASP B 119 40.96 -10.43 -10.09
C ASP B 119 39.58 -10.22 -9.49
N GLY B 120 38.55 -10.14 -10.32
CA GLY B 120 37.20 -9.91 -9.80
C GLY B 120 36.63 -8.56 -10.20
N THR B 121 37.45 -7.72 -10.81
CA THR B 121 36.97 -6.43 -11.27
C THR B 121 36.14 -6.62 -12.52
N ILE B 122 35.34 -5.61 -12.84
CA ILE B 122 34.48 -5.69 -14.02
C ILE B 122 35.31 -5.41 -15.28
N ASN B 123 35.26 -6.32 -16.25
CA ASN B 123 35.96 -6.12 -17.52
C ASN B 123 35.18 -5.02 -18.24
N LYS B 124 35.77 -3.83 -18.32
CA LYS B 124 35.13 -2.65 -18.91
C LYS B 124 34.67 -2.81 -20.33
N ALA B 125 35.51 -3.37 -21.19
CA ALA B 125 35.15 -3.53 -22.60
C ALA B 125 33.93 -4.47 -22.72
N VAL B 126 33.95 -5.55 -21.96
CA VAL B 126 32.81 -6.48 -21.96
C VAL B 126 31.56 -5.80 -21.39
N PHE B 127 31.74 -4.99 -20.36
CA PHE B 127 30.60 -4.26 -19.80
C PHE B 127 29.91 -3.41 -20.87
N GLU B 128 30.69 -2.81 -21.75
CA GLU B 128 30.10 -1.97 -22.79
C GLU B 128 29.17 -2.80 -23.64
N GLN B 129 29.57 -4.03 -23.93
CA GLN B 129 28.74 -4.92 -24.75
C GLN B 129 27.49 -5.33 -23.96
N VAL B 130 27.66 -5.50 -22.66
CA VAL B 130 26.54 -5.87 -21.79
C VAL B 130 25.49 -4.76 -21.84
N LYS B 131 25.96 -3.54 -21.72
CA LYS B 131 25.04 -2.39 -21.71
C LYS B 131 24.33 -2.33 -23.03
N LEU B 132 25.09 -2.53 -24.10
CA LEU B 132 24.51 -2.49 -25.42
C LEU B 132 23.41 -3.50 -25.51
N ARG B 133 23.67 -4.71 -25.04
CA ARG B 133 22.62 -5.71 -25.17
C ARG B 133 21.35 -5.43 -24.34
N PHE B 134 21.53 -4.95 -23.12
CA PHE B 134 20.42 -4.85 -22.17
C PHE B 134 19.90 -3.45 -21.82
N LYS B 135 20.75 -2.44 -21.85
CA LYS B 135 20.33 -1.13 -21.36
C LYS B 135 19.21 -0.56 -22.20
N GLY B 136 18.13 -0.13 -21.56
CA GLY B 136 16.99 0.45 -22.23
C GLY B 136 16.03 -0.57 -22.79
N LYS B 137 16.28 -1.86 -22.55
CA LYS B 137 15.37 -2.87 -23.10
C LYS B 137 14.59 -3.59 -22.01
N ASP B 138 13.50 -4.25 -22.40
CA ASP B 138 12.69 -5.00 -21.45
C ASP B 138 13.19 -6.44 -21.35
N ARG B 139 13.13 -6.99 -20.14
CA ARG B 139 13.54 -8.36 -19.92
C ARG B 139 12.38 -9.05 -19.19
N LYS B 140 12.01 -10.23 -19.67
CA LYS B 140 10.95 -10.97 -18.98
C LYS B 140 11.60 -12.17 -18.27
N GLU B 141 11.21 -12.38 -17.02
CA GLU B 141 11.70 -13.52 -16.27
C GLU B 141 10.56 -14.53 -16.07
N TYR B 142 10.75 -15.76 -16.53
CA TYR B 142 9.70 -16.77 -16.36
C TYR B 142 9.63 -17.37 -14.98
N GLY B 143 10.73 -17.35 -14.24
CA GLY B 143 10.73 -17.84 -12.87
C GLY B 143 10.21 -16.76 -11.95
N TYR B 144 10.10 -17.04 -10.66
CA TYR B 144 9.74 -15.97 -9.71
C TYR B 144 11.02 -15.18 -9.47
N ILE B 145 10.91 -13.97 -8.94
CA ILE B 145 12.10 -13.21 -8.62
C ILE B 145 12.18 -12.97 -7.12
N SER B 146 13.27 -13.46 -6.53
CA SER B 146 13.55 -13.28 -5.11
C SER B 146 14.35 -11.98 -4.96
N THR B 147 13.95 -11.13 -4.02
CA THR B 147 14.65 -9.89 -3.78
C THR B 147 14.71 -9.68 -2.27
N SER B 148 15.26 -8.53 -1.90
CA SER B 148 15.30 -8.15 -0.47
C SER B 148 14.88 -6.69 -0.30
N LEU B 149 14.20 -6.38 0.82
CA LEU B 149 13.82 -5.01 1.09
C LEU B 149 15.04 -4.14 1.36
N VAL B 150 16.16 -4.75 1.73
CA VAL B 150 17.37 -4.00 2.03
C VAL B 150 18.59 -4.57 1.29
N ASN B 151 19.59 -3.72 1.03
CA ASN B 151 20.82 -4.15 0.40
C ASN B 151 21.66 -4.68 1.56
N GLY B 152 21.41 -5.92 1.95
CA GLY B 152 22.07 -6.54 3.09
C GLY B 152 23.30 -7.38 2.79
N SER B 153 23.73 -8.15 3.80
CA SER B 153 24.93 -8.97 3.72
C SER B 153 24.85 -10.19 2.80
N ALA B 154 23.65 -10.71 2.54
CA ALA B 154 23.54 -11.82 1.61
C ALA B 154 24.04 -11.46 0.21
N PHE B 155 23.96 -10.18 -0.17
CA PHE B 155 24.39 -9.73 -1.50
C PHE B 155 25.84 -9.28 -1.53
N ALA B 156 26.45 -9.21 -0.36
CA ALA B 156 27.85 -8.83 -0.31
C ALA B 156 28.53 -9.94 -1.10
N GLY B 157 29.50 -9.58 -1.94
CA GLY B 157 30.16 -10.59 -2.75
C GLY B 157 29.53 -10.86 -4.11
N ARG B 158 28.29 -10.45 -4.33
CA ARG B 158 27.68 -10.68 -5.66
C ARG B 158 28.12 -9.60 -6.63
N PRO B 159 28.54 -10.02 -7.83
CA PRO B 159 29.05 -9.05 -8.79
C PRO B 159 27.98 -8.18 -9.45
N ILE B 160 26.74 -8.63 -9.39
CA ILE B 160 25.63 -7.89 -10.02
C ILE B 160 24.56 -7.57 -8.98
N ILE B 161 24.26 -6.28 -8.83
CA ILE B 161 23.21 -5.83 -7.92
C ILE B 161 22.13 -5.16 -8.75
N THR B 162 20.89 -5.63 -8.59
CA THR B 162 19.77 -5.01 -9.26
C THR B 162 18.93 -4.25 -8.23
N LYS B 163 18.56 -3.03 -8.58
CA LYS B 163 17.67 -2.20 -7.77
C LYS B 163 16.39 -2.04 -8.58
N PHE B 164 15.32 -2.68 -8.12
CA PHE B 164 14.07 -2.68 -8.86
C PHE B 164 13.23 -1.54 -8.33
N LYS B 165 12.65 -0.74 -9.23
CA LYS B 165 11.68 0.30 -8.77
C LYS B 165 10.30 -0.35 -8.94
N VAL B 166 9.58 -0.53 -7.83
CA VAL B 166 8.33 -1.24 -7.77
C VAL B 166 7.22 -0.29 -7.40
N LEU B 167 6.23 -0.20 -8.26
CA LEU B 167 5.12 0.74 -8.04
C LEU B 167 4.09 0.23 -7.05
N ASP B 168 3.50 1.16 -6.34
CA ASP B 168 2.42 0.93 -5.39
C ASP B 168 1.36 0.13 -6.10
N GLY B 169 0.91 -0.95 -5.48
CA GLY B 169 -0.11 -1.78 -6.08
C GLY B 169 0.36 -3.01 -6.84
N SER B 170 1.65 -3.06 -7.23
CA SER B 170 2.18 -4.21 -7.96
C SER B 170 2.22 -5.44 -7.05
N LYS B 171 2.04 -6.60 -7.63
CA LYS B 171 2.16 -7.85 -6.86
C LYS B 171 3.60 -8.01 -6.34
N ALA B 172 3.73 -8.26 -5.05
CA ALA B 172 5.04 -8.38 -4.43
C ALA B 172 4.81 -8.81 -2.98
N GLY B 173 5.51 -9.81 -2.52
CA GLY B 173 5.20 -10.30 -1.20
C GLY B 173 6.39 -10.39 -0.30
N TYR B 174 6.24 -9.83 0.90
CA TYR B 174 7.29 -9.97 1.91
C TYR B 174 7.11 -11.36 2.51
N ILE B 175 8.07 -12.26 2.25
CA ILE B 175 7.96 -13.64 2.70
C ILE B 175 9.06 -14.13 3.62
N GLU B 176 9.83 -13.18 4.14
CA GLU B 176 10.90 -13.52 5.09
C GLU B 176 10.41 -14.38 6.30
N PRO B 177 9.21 -14.12 6.84
CA PRO B 177 8.75 -14.91 7.99
C PRO B 177 8.73 -16.40 7.67
N ILE B 178 8.56 -16.72 6.41
CA ILE B 178 8.61 -18.12 6.01
C ILE B 178 9.91 -18.61 5.39
N SER B 179 10.69 -17.76 4.73
CA SER B 179 11.88 -18.29 4.06
C SER B 179 12.90 -19.04 4.92
N THR B 180 12.91 -20.36 4.73
CA THR B 180 13.82 -21.27 5.42
C THR B 180 15.24 -20.71 5.50
N LEU B 185 15.83 -9.77 3.99
CA LEU B 185 14.42 -9.46 4.25
C LEU B 185 13.73 -9.78 2.92
N GLU B 186 13.47 -11.06 2.72
CA GLU B 186 13.02 -11.53 1.43
C GLU B 186 11.64 -11.07 0.97
N VAL B 187 11.62 -10.57 -0.27
CA VAL B 187 10.38 -10.14 -0.90
C VAL B 187 10.34 -10.88 -2.24
N LEU B 188 9.23 -11.52 -2.54
CA LEU B 188 9.10 -12.30 -3.78
C LEU B 188 8.25 -11.56 -4.80
N LEU B 189 8.71 -11.58 -6.06
CA LEU B 189 7.97 -10.99 -7.16
C LEU B 189 7.35 -12.15 -7.99
N PRO B 190 6.22 -11.88 -8.64
CA PRO B 190 5.57 -12.93 -9.45
C PRO B 190 6.43 -13.45 -10.58
N ARG B 191 6.09 -14.64 -11.08
CA ARG B 191 6.77 -15.18 -12.24
C ARG B 191 6.27 -14.42 -13.48
N SER B 192 7.01 -14.54 -14.59
CA SER B 192 6.69 -13.82 -15.84
C SER B 192 6.60 -12.31 -15.66
N SER B 193 7.43 -11.80 -14.74
CA SER B 193 7.54 -10.38 -14.54
C SER B 193 8.34 -9.80 -15.70
N THR B 194 8.11 -8.53 -15.97
CA THR B 194 8.83 -7.78 -17.01
C THR B 194 9.32 -6.49 -16.38
N TYR B 195 10.59 -6.18 -16.62
CA TYR B 195 11.17 -4.95 -16.15
C TYR B 195 11.99 -4.31 -17.26
N THR B 196 12.03 -2.97 -17.26
CA THR B 196 12.86 -2.25 -18.23
C THR B 196 14.19 -2.04 -17.48
N ILE B 197 15.31 -2.40 -18.11
CA ILE B 197 16.64 -2.10 -17.53
C ILE B 197 16.90 -0.66 -17.92
N SER B 198 16.74 0.26 -16.98
CA SER B 198 16.88 1.69 -17.30
C SER B 198 18.32 2.18 -17.21
N ASP B 199 19.14 1.51 -16.40
CA ASP B 199 20.54 1.88 -16.31
C ASP B 199 21.35 0.69 -15.82
N MET B 200 22.64 0.72 -16.18
CA MET B 200 23.58 -0.30 -15.75
C MET B 200 24.85 0.48 -15.55
N GLN B 201 25.45 0.36 -14.37
CA GLN B 201 26.67 1.08 -14.10
C GLN B 201 27.63 0.25 -13.29
N ILE B 202 28.92 0.51 -13.46
CA ILE B 202 29.94 -0.19 -12.71
C ILE B 202 30.05 0.57 -11.40
N ALA B 203 30.00 -0.16 -10.29
CA ALA B 203 30.08 0.44 -8.96
C ALA B 203 31.45 1.07 -8.75
N PRO B 204 31.54 2.09 -7.88
CA PRO B 204 32.80 2.79 -7.59
C PRO B 204 33.93 1.84 -7.22
N ASN B 205 33.60 0.74 -6.57
CA ASN B 205 34.55 -0.28 -6.14
C ASN B 205 35.03 -1.11 -7.34
N ASN B 206 34.41 -0.85 -8.48
CA ASN B 206 34.71 -1.51 -9.74
C ASN B 206 34.61 -3.02 -9.71
N LYS B 207 33.85 -3.55 -8.75
CA LYS B 207 33.73 -4.99 -8.68
C LYS B 207 32.28 -5.43 -8.78
N GLN B 208 31.41 -4.46 -9.02
CA GLN B 208 29.99 -4.79 -9.12
C GLN B 208 29.35 -3.97 -10.22
N ILE B 209 28.31 -4.56 -10.79
CA ILE B 209 27.53 -3.88 -11.78
C ILE B 209 26.22 -3.66 -11.09
N ILE B 210 25.78 -2.40 -11.11
CA ILE B 210 24.53 -2.00 -10.48
C ILE B 210 23.53 -1.76 -11.61
N ILE B 211 22.47 -2.55 -11.59
CA ILE B 211 21.41 -2.46 -12.57
C ILE B 211 20.19 -1.72 -11.97
N THR B 212 19.62 -0.78 -12.72
CA THR B 212 18.38 -0.15 -12.30
C THR B 212 17.29 -0.68 -13.19
N ALA B 213 16.31 -1.32 -12.56
CA ALA B 213 15.20 -1.98 -13.29
C ALA B 213 13.87 -1.36 -12.91
N LEU B 214 13.00 -1.12 -13.88
CA LEU B 214 11.68 -0.55 -13.59
C LEU B 214 10.73 -1.71 -13.80
N LEU B 215 10.16 -2.20 -12.71
CA LEU B 215 9.28 -3.35 -12.81
C LEU B 215 7.95 -2.94 -13.41
N LYS B 216 7.55 -3.58 -14.49
CA LYS B 216 6.27 -3.26 -15.14
C LYS B 216 5.07 -3.77 -14.38
N ARG B 217 3.96 -3.03 -14.50
CA ARG B 217 2.72 -3.36 -13.79
C ARG B 217 1.85 -4.35 -14.58
#